data_4Z8G
#
_entry.id   4Z8G
#
_cell.length_a   53.468
_cell.length_b   53.936
_cell.length_c   75.604
_cell.angle_alpha   90.00
_cell.angle_beta   90.00
_cell.angle_gamma   90.00
#
_symmetry.space_group_name_H-M   'P 21 21 21'
#
loop_
_entity.id
_entity.type
_entity.pdbx_description
1 polymer 'Tropomodulin-1, Leiomodin-1 chimera (TP1 ABS2)'
2 non-polymer 'NICKEL (II) ION'
3 water water
#
_entity_poly.entity_id   1
_entity_poly.type   'polypeptide(L)'
_entity_poly.pdbx_seq_one_letter_code
;MASVIKPTQYKPVPDEEPNSTDVEETLERIKNNDPKLEEVNLNNIRNIPIPTLKAYAEALKENSYVKKFALANTRADDHV
AFAIAIMLKANKTITSLNLDSNHITGKGILAIFRALLQNNTLTELRFHNQRHICGGKTEMEIAKLLKENTTLLKLGYHFE
LAGPRMTVTNLLSRNMDKQRQKRLQEQRQAQ
;
_entity_poly.pdbx_strand_id   A
#
loop_
_chem_comp.id
_chem_comp.type
_chem_comp.name
_chem_comp.formula
NI non-polymer 'NICKEL (II) ION' 'Ni 2'
#
# COMPACT_ATOMS: atom_id res chain seq x y z
N GLU A 17 6.51 2.53 23.23
CA GLU A 17 6.02 3.90 23.43
C GLU A 17 4.49 3.94 23.13
N PRO A 18 4.05 3.96 21.83
CA PRO A 18 2.59 3.81 21.67
C PRO A 18 2.05 2.42 22.05
N ASN A 19 0.75 2.37 22.29
CA ASN A 19 0.10 1.25 22.95
C ASN A 19 -1.40 1.31 22.65
N SER A 20 -2.18 0.41 23.23
CA SER A 20 -3.62 0.29 22.93
C SER A 20 -4.38 1.60 23.12
N THR A 21 -3.83 2.48 23.95
CA THR A 21 -4.43 3.80 24.18
C THR A 21 -4.41 4.58 22.90
N ASP A 22 -3.19 4.74 22.36
CA ASP A 22 -3.02 5.50 21.15
C ASP A 22 -3.78 4.83 20.04
N VAL A 23 -3.82 3.51 20.02
CA VAL A 23 -4.50 2.84 18.92
C VAL A 23 -6.00 3.20 18.89
N GLU A 24 -6.68 3.20 20.02
CA GLU A 24 -8.10 3.52 20.01
C GLU A 24 -8.27 5.00 19.65
N GLU A 25 -7.46 5.86 20.24
CA GLU A 25 -7.62 7.30 20.04
C GLU A 25 -7.28 7.74 18.61
N THR A 26 -6.20 7.21 18.05
CA THR A 26 -5.83 7.52 16.70
C THR A 26 -6.94 7.09 15.74
N LEU A 27 -7.53 5.92 15.98
CA LEU A 27 -8.60 5.43 15.13
C LEU A 27 -9.80 6.40 15.10
N GLU A 28 -10.15 6.97 16.25
CA GLU A 28 -11.24 7.92 16.34
C GLU A 28 -10.91 9.12 15.48
N ARG A 29 -9.67 9.57 15.59
CA ARG A 29 -9.15 10.71 14.84
C ARG A 29 -9.22 10.52 13.33
N ILE A 30 -9.00 9.28 12.88
CA ILE A 30 -9.14 8.92 11.48
C ILE A 30 -10.61 9.03 11.05
N LYS A 31 -11.50 8.43 11.84
CA LYS A 31 -12.94 8.48 11.58
C LYS A 31 -13.45 9.92 11.56
N ASN A 32 -12.85 10.79 12.37
CA ASN A 32 -13.25 12.19 12.41
C ASN A 32 -12.59 13.00 11.30
N ASN A 33 -11.73 12.36 10.51
CA ASN A 33 -11.02 13.04 9.45
C ASN A 33 -10.19 14.21 9.99
N ASP A 34 -9.54 14.03 11.15
CA ASP A 34 -8.77 15.12 11.75
C ASP A 34 -7.70 15.68 10.76
N PRO A 35 -7.78 16.98 10.41
CA PRO A 35 -6.82 17.50 9.41
C PRO A 35 -5.38 17.47 9.89
N LYS A 36 -5.15 17.36 11.19
CA LYS A 36 -3.79 17.37 11.72
C LYS A 36 -3.17 15.96 11.74
N LEU A 37 -3.92 14.94 11.31
CA LEU A 37 -3.34 13.60 11.28
C LEU A 37 -3.10 13.20 9.81
N GLU A 38 -1.85 13.38 9.42
CA GLU A 38 -1.39 13.06 8.08
C GLU A 38 -0.61 11.75 7.94
N GLU A 39 -0.21 11.20 9.09
CA GLU A 39 0.58 9.98 9.17
C GLU A 39 0.08 9.07 10.31
N VAL A 40 -0.25 7.82 9.97
CA VAL A 40 -0.61 6.80 10.96
C VAL A 40 0.55 5.77 10.98
N ASN A 41 1.16 5.60 12.14
CA ASN A 41 2.24 4.62 12.32
C ASN A 41 1.97 3.70 13.50
N LEU A 42 1.64 2.46 13.15
CA LEU A 42 1.38 1.40 14.10
C LEU A 42 2.56 0.45 14.26
N ASN A 43 3.65 0.77 13.59
CA ASN A 43 4.79 -0.14 13.48
C ASN A 43 5.21 -0.70 14.83
N ASN A 44 5.35 -2.01 14.86
CA ASN A 44 5.92 -2.71 16.02
C ASN A 44 4.96 -2.75 17.19
N ILE A 45 3.76 -2.20 17.06
CA ILE A 45 2.78 -2.31 18.16
C ILE A 45 2.17 -3.72 18.14
N ARG A 46 2.39 -4.45 19.21
CA ARG A 46 1.92 -5.85 19.38
C ARG A 46 0.50 -5.94 19.94
N ASN A 47 -0.17 -7.04 19.67
CA ASN A 47 -1.46 -7.30 20.30
C ASN A 47 -2.55 -6.32 19.90
N ILE A 48 -2.43 -5.74 18.72
CA ILE A 48 -3.57 -5.03 18.13
C ILE A 48 -4.48 -6.13 17.59
N PRO A 49 -5.75 -6.13 18.02
CA PRO A 49 -6.67 -7.11 17.43
C PRO A 49 -6.77 -6.94 15.93
N ILE A 50 -6.77 -8.07 15.23
CA ILE A 50 -7.04 -8.07 13.81
C ILE A 50 -8.25 -7.18 13.46
N PRO A 51 -9.39 -7.30 14.19
CA PRO A 51 -10.52 -6.44 13.77
C PRO A 51 -10.26 -4.95 14.01
N THR A 52 -9.37 -4.64 14.93
CA THR A 52 -8.98 -3.24 15.08
C THR A 52 -8.17 -2.80 13.86
N LEU A 53 -7.24 -3.64 13.40
CA LEU A 53 -6.48 -3.30 12.19
C LEU A 53 -7.44 -3.14 11.00
N LYS A 54 -8.43 -4.02 10.90
CA LYS A 54 -9.44 -3.87 9.86
C LYS A 54 -10.18 -2.57 10.00
N ALA A 55 -10.48 -2.16 11.21
CA ALA A 55 -11.28 -0.95 11.38
C ALA A 55 -10.48 0.26 10.90
N TYR A 56 -9.17 0.21 11.07
CA TYR A 56 -8.28 1.27 10.58
C TYR A 56 -8.43 1.43 9.07
N ALA A 57 -8.41 0.28 8.41
CA ALA A 57 -8.55 0.22 6.96
C ALA A 57 -9.89 0.80 6.54
N GLU A 58 -10.95 0.37 7.23
CA GLU A 58 -12.32 0.81 6.93
C GLU A 58 -12.47 2.32 7.13
N ALA A 59 -11.92 2.83 8.22
CA ALA A 59 -11.98 4.25 8.51
C ALA A 59 -11.22 5.07 7.48
N LEU A 60 -10.17 4.49 6.90
CA LEU A 60 -9.29 5.28 6.06
C LEU A 60 -9.90 5.49 4.68
N LYS A 61 -10.94 4.71 4.35
CA LYS A 61 -11.59 4.74 3.03
C LYS A 61 -11.92 6.16 2.59
N GLU A 62 -12.67 6.87 3.44
CA GLU A 62 -13.03 8.26 3.19
C GLU A 62 -12.17 9.29 3.94
N ASN A 63 -11.12 8.88 4.65
CA ASN A 63 -10.21 9.87 5.23
C ASN A 63 -9.44 10.58 4.14
N SER A 64 -9.43 11.89 4.24
CA SER A 64 -8.86 12.72 3.20
CA SER A 64 -8.85 12.72 3.20
C SER A 64 -7.53 13.33 3.57
N TYR A 65 -7.12 13.18 4.83
CA TYR A 65 -5.80 13.67 5.24
C TYR A 65 -4.63 12.68 5.45
N VAL A 66 -4.85 11.36 5.43
CA VAL A 66 -3.75 10.49 5.84
C VAL A 66 -2.95 10.11 4.60
N LYS A 67 -1.74 10.61 4.54
CA LYS A 67 -0.83 10.35 3.42
C LYS A 67 0.00 9.06 3.48
N LYS A 68 0.40 8.72 4.71
CA LYS A 68 1.18 7.50 5.03
C LYS A 68 0.51 6.60 6.09
N PHE A 69 0.30 5.32 5.77
CA PHE A 69 -0.19 4.33 6.75
C PHE A 69 0.90 3.21 6.89
N ALA A 70 1.46 3.06 8.09
CA ALA A 70 2.49 2.03 8.39
C ALA A 70 2.02 1.18 9.54
N LEU A 71 1.84 -0.09 9.23
CA LEU A 71 1.50 -1.14 10.18
C LEU A 71 2.50 -2.25 10.35
N ALA A 72 3.76 -2.04 10.01
CA ALA A 72 4.75 -3.14 10.07
C ALA A 72 4.78 -3.92 11.44
N ASN A 73 4.93 -5.24 11.34
CA ASN A 73 5.26 -6.03 12.49
C ASN A 73 4.10 -5.95 13.52
N THR A 74 2.88 -5.92 13.01
CA THR A 74 1.67 -6.00 13.81
C THR A 74 0.93 -7.35 13.83
N ARG A 75 1.49 -8.37 13.17
CA ARG A 75 0.79 -9.63 12.89
C ARG A 75 -0.42 -9.44 12.02
N ALA A 76 -0.40 -8.42 11.17
CA ALA A 76 -1.50 -8.29 10.22
C ALA A 76 -1.55 -9.55 9.36
N ASP A 77 -2.75 -10.06 9.13
CA ASP A 77 -2.94 -11.22 8.22
C ASP A 77 -3.76 -10.86 6.98
N ASP A 78 -4.12 -11.89 6.19
CA ASP A 78 -4.87 -11.70 4.95
C ASP A 78 -6.18 -10.98 5.12
N HIS A 79 -6.81 -11.13 6.27
CA HIS A 79 -8.04 -10.40 6.52
C HIS A 79 -7.72 -8.96 6.54
N VAL A 80 -6.54 -8.62 7.06
CA VAL A 80 -6.15 -7.23 7.09
C VAL A 80 -5.85 -6.80 5.65
N ALA A 81 -5.14 -7.65 4.89
CA ALA A 81 -4.78 -7.31 3.50
C ALA A 81 -6.05 -7.07 2.67
N PHE A 82 -7.03 -7.97 2.77
CA PHE A 82 -8.33 -7.77 2.10
C PHE A 82 -8.97 -6.43 2.51
N ALA A 83 -9.01 -6.16 3.80
CA ALA A 83 -9.61 -4.89 4.25
C ALA A 83 -8.90 -3.68 3.59
N ILE A 84 -7.59 -3.82 3.41
CA ILE A 84 -6.76 -2.73 2.93
C ILE A 84 -6.99 -2.57 1.45
N ALA A 85 -7.11 -3.72 0.78
CA ALA A 85 -7.40 -3.72 -0.66
C ALA A 85 -8.71 -2.94 -0.94
N ILE A 86 -9.79 -3.28 -0.22
CA ILE A 86 -11.05 -2.55 -0.34
C ILE A 86 -10.84 -1.06 -0.20
N MET A 87 -10.17 -0.68 0.88
CA MET A 87 -9.87 0.71 1.15
C MET A 87 -9.08 1.37 0.04
N LEU A 88 -8.26 0.60 -0.65
CA LEU A 88 -7.38 1.19 -1.65
C LEU A 88 -8.16 1.59 -2.93
N LYS A 89 -9.25 0.86 -3.18
CA LYS A 89 -10.17 1.14 -4.29
C LYS A 89 -10.89 2.47 -4.15
N ALA A 90 -10.99 2.97 -2.92
CA ALA A 90 -11.73 4.19 -2.56
C ALA A 90 -10.80 5.34 -2.21
N ASN A 91 -9.90 5.13 -1.26
CA ASN A 91 -8.93 6.16 -0.85
C ASN A 91 -8.12 6.75 -2.02
N LYS A 92 -8.17 8.08 -2.08
CA LYS A 92 -7.45 8.94 -3.01
C LYS A 92 -6.27 9.76 -2.40
N THR A 93 -6.01 9.53 -1.12
CA THR A 93 -5.06 10.30 -0.31
C THR A 93 -3.76 9.51 -0.01
N ILE A 94 -3.86 8.29 0.53
CA ILE A 94 -2.63 7.58 0.96
C ILE A 94 -1.65 7.30 -0.20
N THR A 95 -0.46 7.87 -0.05
CA THR A 95 0.62 7.65 -1.02
C THR A 95 1.68 6.63 -0.61
N SER A 96 1.71 6.26 0.68
CA SER A 96 2.73 5.33 1.13
C SER A 96 2.10 4.39 2.14
N LEU A 97 2.25 3.08 1.89
CA LEU A 97 1.69 2.00 2.70
C LEU A 97 2.78 0.98 3.04
N ASN A 98 3.01 0.77 4.34
CA ASN A 98 4.03 -0.16 4.87
C ASN A 98 3.41 -1.35 5.63
N LEU A 99 3.50 -2.48 4.99
CA LEU A 99 3.04 -3.77 5.50
C LEU A 99 4.15 -4.70 5.97
N ASP A 100 5.38 -4.21 6.07
CA ASP A 100 6.50 -5.13 6.34
C ASP A 100 6.25 -6.02 7.58
N SER A 101 6.85 -7.20 7.52
CA SER A 101 7.11 -8.06 8.68
C SER A 101 5.84 -8.58 9.36
N ASN A 102 4.88 -8.93 8.51
CA ASN A 102 3.54 -9.34 8.91
C ASN A 102 3.24 -10.77 8.41
N HIS A 103 2.01 -11.21 8.62
CA HIS A 103 1.59 -12.57 8.26
C HIS A 103 0.83 -12.63 6.95
N ILE A 104 0.92 -11.57 6.15
CA ILE A 104 0.25 -11.57 4.86
C ILE A 104 0.84 -12.60 3.85
N THR A 105 -0.04 -13.40 3.25
CA THR A 105 0.35 -14.41 2.28
C THR A 105 0.18 -13.86 0.87
N GLY A 106 0.56 -14.67 -0.11
CA GLY A 106 0.40 -14.26 -1.50
C GLY A 106 -1.03 -13.87 -1.86
N LYS A 107 -2.03 -14.43 -1.18
CA LYS A 107 -3.43 -14.08 -1.50
C LYS A 107 -3.71 -12.65 -1.14
N GLY A 108 -3.29 -12.28 0.05
CA GLY A 108 -3.53 -10.93 0.53
C GLY A 108 -2.77 -9.98 -0.38
N ILE A 109 -1.58 -10.40 -0.81
CA ILE A 109 -0.79 -9.52 -1.65
C ILE A 109 -1.44 -9.33 -3.02
N LEU A 110 -1.95 -10.40 -3.62
CA LEU A 110 -2.69 -10.27 -4.89
C LEU A 110 -3.91 -9.35 -4.79
N ALA A 111 -4.68 -9.50 -3.71
CA ALA A 111 -5.84 -8.63 -3.50
C ALA A 111 -5.45 -7.14 -3.56
N ILE A 112 -4.32 -6.82 -2.92
CA ILE A 112 -3.80 -5.46 -2.92
C ILE A 112 -3.44 -5.07 -4.37
N PHE A 113 -2.69 -5.91 -5.08
CA PHE A 113 -2.38 -5.54 -6.46
C PHE A 113 -3.61 -5.45 -7.39
N ARG A 114 -4.60 -6.31 -7.19
CA ARG A 114 -5.88 -6.12 -7.89
C ARG A 114 -6.50 -4.78 -7.52
N ALA A 115 -6.52 -4.45 -6.23
CA ALA A 115 -6.98 -3.13 -5.82
C ALA A 115 -6.25 -1.96 -6.52
N LEU A 116 -4.98 -2.16 -6.90
CA LEU A 116 -4.20 -1.06 -7.47
C LEU A 116 -4.57 -0.74 -8.93
N LEU A 117 -5.25 -1.69 -9.56
CA LEU A 117 -5.96 -1.43 -10.83
C LEU A 117 -6.92 -0.23 -10.72
N GLN A 118 -7.54 -0.09 -9.56
CA GLN A 118 -8.47 0.99 -9.25
C GLN A 118 -7.91 2.18 -8.47
N ASN A 119 -6.60 2.22 -8.28
CA ASN A 119 -5.96 3.23 -7.45
C ASN A 119 -4.83 3.85 -8.24
N ASN A 120 -4.91 5.15 -8.42
CA ASN A 120 -3.84 5.94 -9.03
C ASN A 120 -3.16 6.89 -8.12
N THR A 121 -3.40 6.83 -6.82
CA THR A 121 -2.67 7.67 -5.85
C THR A 121 -1.57 7.10 -4.92
N LEU A 122 -1.46 5.77 -4.85
CA LEU A 122 -0.47 5.14 -3.96
C LEU A 122 0.79 5.00 -4.77
N THR A 123 1.85 5.68 -4.36
CA THR A 123 3.14 5.53 -5.02
C THR A 123 4.19 4.63 -4.36
N GLU A 124 3.94 4.20 -3.12
CA GLU A 124 4.88 3.32 -2.41
C GLU A 124 4.14 2.26 -1.65
N LEU A 125 4.43 1.02 -1.99
CA LEU A 125 3.97 -0.15 -1.26
C LEU A 125 5.13 -1.06 -0.85
N ARG A 126 5.20 -1.44 0.44
CA ARG A 126 6.25 -2.33 0.92
C ARG A 126 5.66 -3.41 1.83
N PHE A 127 5.92 -4.65 1.42
CA PHE A 127 5.66 -5.90 2.16
C PHE A 127 6.86 -6.80 2.52
N HIS A 128 8.07 -6.29 2.62
CA HIS A 128 9.23 -7.09 3.01
C HIS A 128 8.97 -8.02 4.19
N ASN A 129 9.54 -9.22 4.12
CA ASN A 129 9.75 -10.08 5.29
C ASN A 129 8.43 -10.65 5.89
N GLN A 130 7.53 -11.03 5.02
CA GLN A 130 6.33 -11.71 5.54
C GLN A 130 6.73 -13.09 6.08
N ARG A 131 6.02 -13.56 7.11
CA ARG A 131 6.34 -14.87 7.72
C ARG A 131 5.88 -16.02 6.83
N HIS A 132 5.06 -15.71 5.85
CA HIS A 132 4.52 -16.71 4.94
C HIS A 132 5.00 -16.31 3.56
N ILE A 133 5.78 -17.17 2.93
CA ILE A 133 6.44 -16.71 1.74
C ILE A 133 5.47 -16.72 0.54
N CYS A 134 5.61 -15.67 -0.24
CA CYS A 134 4.77 -15.33 -1.37
C CYS A 134 4.44 -16.46 -2.37
N GLY A 135 5.49 -17.05 -2.96
CA GLY A 135 5.34 -18.07 -3.98
C GLY A 135 5.55 -17.53 -5.39
N GLY A 136 6.08 -18.37 -6.27
CA GLY A 136 6.50 -17.95 -7.60
C GLY A 136 5.32 -17.50 -8.46
N LYS A 137 4.20 -18.20 -8.30
CA LYS A 137 3.03 -17.96 -9.14
C LYS A 137 2.48 -16.60 -8.80
N THR A 138 2.53 -16.30 -7.51
CA THR A 138 2.12 -14.99 -7.03
C THR A 138 3.04 -13.87 -7.59
N GLU A 139 4.36 -14.08 -7.55
CA GLU A 139 5.30 -13.09 -8.09
C GLU A 139 5.03 -12.86 -9.56
N MET A 140 4.78 -13.94 -10.30
CA MET A 140 4.48 -13.85 -11.71
CA MET A 140 4.47 -13.81 -11.71
C MET A 140 3.20 -13.00 -11.90
N GLU A 141 2.22 -13.22 -11.04
CA GLU A 141 0.95 -12.49 -11.18
C GLU A 141 1.03 -11.02 -10.73
N ILE A 142 1.87 -10.73 -9.74
CA ILE A 142 2.12 -9.34 -9.32
C ILE A 142 2.63 -8.54 -10.50
N ALA A 143 3.63 -9.09 -11.19
CA ALA A 143 4.21 -8.45 -12.37
C ALA A 143 3.14 -8.21 -13.44
N LYS A 144 2.28 -9.20 -13.68
CA LYS A 144 1.22 -9.04 -14.66
C LYS A 144 0.26 -7.92 -14.27
N LEU A 145 -0.20 -7.93 -13.03
CA LEU A 145 -1.05 -6.86 -12.54
C LEU A 145 -0.42 -5.46 -12.51
N LEU A 146 0.86 -5.37 -12.15
CA LEU A 146 1.50 -4.07 -12.04
C LEU A 146 1.54 -3.37 -13.42
N LYS A 147 1.59 -4.16 -14.48
CA LYS A 147 1.56 -3.61 -15.83
C LYS A 147 0.41 -2.62 -16.01
N GLU A 148 -0.74 -2.92 -15.40
CA GLU A 148 -1.89 -2.07 -15.57
C GLU A 148 -1.93 -0.86 -14.64
N ASN A 149 -0.94 -0.73 -13.75
CA ASN A 149 -0.89 0.43 -12.83
C ASN A 149 0.30 1.28 -13.22
N THR A 150 0.05 2.55 -13.51
CA THR A 150 1.07 3.48 -13.95
C THR A 150 1.55 4.47 -12.93
N THR A 151 0.95 4.48 -11.75
CA THR A 151 1.35 5.38 -10.64
C THR A 151 2.25 4.83 -9.46
N LEU A 152 2.35 3.52 -9.29
CA LEU A 152 3.24 3.02 -8.21
C LEU A 152 4.69 3.25 -8.61
N LEU A 153 5.46 4.00 -7.81
CA LEU A 153 6.90 4.18 -8.05
C LEU A 153 7.88 3.32 -7.25
N LYS A 154 7.45 2.71 -6.15
CA LYS A 154 8.36 1.99 -5.25
C LYS A 154 7.64 0.76 -4.78
N LEU A 155 8.26 -0.39 -4.92
CA LEU A 155 7.70 -1.60 -4.38
C LEU A 155 8.68 -2.24 -3.39
N GLY A 156 8.43 -2.20 -2.07
CA GLY A 156 9.36 -2.89 -1.18
C GLY A 156 9.06 -4.36 -1.12
N TYR A 157 9.85 -5.14 -1.86
CA TYR A 157 9.76 -6.57 -1.78
C TYR A 157 11.00 -7.12 -2.51
N HIS A 158 11.48 -8.30 -2.12
CA HIS A 158 12.60 -8.91 -2.83
C HIS A 158 12.12 -10.18 -3.49
N PHE A 159 12.18 -10.20 -4.81
CA PHE A 159 11.62 -11.26 -5.62
C PHE A 159 12.50 -12.47 -5.66
N GLU A 160 11.87 -13.63 -5.62
CA GLU A 160 12.57 -14.88 -5.69
C GLU A 160 12.88 -15.27 -7.15
N LEU A 161 11.96 -15.00 -8.07
CA LEU A 161 12.12 -15.33 -9.48
C LEU A 161 12.72 -14.15 -10.28
N ALA A 162 13.80 -14.43 -10.99
CA ALA A 162 14.51 -13.37 -11.69
C ALA A 162 13.62 -12.70 -12.73
N GLY A 163 12.65 -13.42 -13.29
CA GLY A 163 11.81 -12.86 -14.34
C GLY A 163 10.86 -11.75 -13.90
N PRO A 164 10.04 -12.03 -12.90
CA PRO A 164 9.17 -10.99 -12.32
C PRO A 164 10.00 -9.82 -11.76
N ARG A 165 11.15 -10.12 -11.18
CA ARG A 165 11.98 -9.08 -10.63
C ARG A 165 12.38 -8.05 -11.71
N MET A 166 12.89 -8.53 -12.84
CA MET A 166 13.24 -7.65 -13.96
C MET A 166 12.03 -6.84 -14.47
N THR A 167 10.93 -7.54 -14.78
CA THR A 167 9.70 -6.94 -15.25
C THR A 167 9.15 -5.85 -14.30
N VAL A 168 9.18 -6.12 -13.01
CA VAL A 168 8.69 -5.13 -12.04
C VAL A 168 9.61 -3.90 -11.99
N THR A 169 10.92 -4.12 -12.01
CA THR A 169 11.87 -2.99 -12.00
C THR A 169 11.60 -2.08 -13.20
N ASN A 170 11.45 -2.74 -14.36
CA ASN A 170 11.22 -1.99 -15.63
C ASN A 170 9.91 -1.25 -15.59
N LEU A 171 8.91 -1.90 -15.00
CA LEU A 171 7.60 -1.26 -14.84
C LEU A 171 7.70 -0.07 -13.92
N LEU A 172 8.50 -0.17 -12.86
CA LEU A 172 8.58 0.95 -11.94
C LEU A 172 9.32 2.13 -12.62
N SER A 173 10.31 1.81 -13.43
CA SER A 173 11.04 2.87 -14.13
CA SER A 173 11.05 2.86 -14.15
C SER A 173 10.12 3.53 -15.15
N ARG A 174 9.35 2.68 -15.89
CA ARG A 174 8.27 3.15 -16.75
C ARG A 174 7.34 4.10 -16.04
N ASN A 175 6.95 3.77 -14.81
CA ASN A 175 5.96 4.61 -14.12
C ASN A 175 6.54 5.93 -13.72
N MET A 176 7.79 5.84 -13.30
CA MET A 176 8.57 7.03 -13.03
CA MET A 176 8.63 7.00 -13.07
C MET A 176 8.62 7.89 -14.30
N ASP A 177 8.80 7.26 -15.44
CA ASP A 177 8.86 8.00 -16.72
C ASP A 177 7.47 8.53 -17.08
N LYS A 178 6.45 7.74 -16.81
CA LYS A 178 5.11 8.18 -17.12
C LYS A 178 4.71 9.39 -16.29
N GLN A 179 5.18 9.45 -15.06
CA GLN A 179 4.83 10.59 -14.23
CA GLN A 179 4.91 10.57 -14.17
C GLN A 179 5.52 11.85 -14.69
N ARG A 180 6.78 11.78 -15.11
CA ARG A 180 7.43 13.00 -15.61
C ARG A 180 6.71 13.46 -16.90
N GLN A 181 6.37 12.50 -17.76
CA GLN A 181 5.67 12.77 -19.02
C GLN A 181 4.34 13.48 -18.80
N LYS A 182 3.56 13.01 -17.82
CA LYS A 182 2.30 13.63 -17.49
C LYS A 182 2.52 15.05 -16.99
N ARG A 183 3.48 15.22 -16.08
CA ARG A 183 3.75 16.56 -15.57
C ARG A 183 4.25 17.48 -16.68
N LEU A 184 5.08 16.95 -17.57
CA LEU A 184 5.68 17.79 -18.60
C LEU A 184 4.62 18.19 -19.62
N GLN A 185 3.70 17.29 -19.95
CA GLN A 185 2.72 17.61 -20.98
C GLN A 185 1.62 18.44 -20.34
N GLU A 186 1.52 18.44 -19.02
CA GLU A 186 0.70 19.44 -18.34
C GLU A 186 1.35 20.83 -18.39
N GLN A 187 2.59 20.93 -17.93
CA GLN A 187 3.33 22.20 -17.98
C GLN A 187 3.51 22.76 -19.42
N ARG A 188 3.77 21.90 -20.40
CA ARG A 188 3.98 22.30 -21.80
C ARG A 188 2.74 22.87 -22.44
N GLN A 189 1.65 22.12 -22.31
CA GLN A 189 0.37 22.49 -22.88
C GLN A 189 -0.39 23.53 -22.07
N ALA A 190 0.04 23.80 -20.84
CA ALA A 190 -0.59 24.86 -20.04
C ALA A 190 0.16 26.20 -20.14
N GLN A 191 1.28 26.20 -20.89
CA GLN A 191 2.01 27.40 -21.37
C GLN A 191 2.40 28.41 -20.29
NI NI B . 12.74 -7.52 1.25
NI NI C . 1.05 -16.47 10.20
NI NI D . -7.82 -13.51 9.98
NI NI E . -11.40 -15.90 8.48
NI NI F . 5.71 -12.67 14.59
NI NI G . 17.83 -7.07 -4.97
NI NI H . 11.19 -9.11 0.88
NI NI I . 4.96 -16.94 14.78
NI NI J . 9.16 3.26 12.91
#